data_6YU3
#
_entry.id   6YU3
#
_cell.length_a   44.280
_cell.length_b   49.890
_cell.length_c   110.050
_cell.angle_alpha   90.000
_cell.angle_beta   96.760
_cell.angle_gamma   90.000
#
_symmetry.space_group_name_H-M   'P 1 2 1'
#
loop_
_entity.id
_entity.type
_entity.pdbx_description
1 polymer 'Sodium-dependent transporter'
2 non-polymer 'SODIUM ION'
3 non-polymer PHENYLALANINE
4 non-polymer DODECYL-BETA-D-MALTOSIDE
5 non-polymer 'octyl 1-thio-beta-D-glucopyranoside'
6 non-polymer GLYCEROL
7 water water
#
_entity_poly.entity_id   1
_entity_poly.type   'polypeptide(L)'
_entity_poly.pdbx_seq_one_letter_code
;SMASLKQQTGREQWASRLGFILAAMGSAVGLGNIWRFSYVTGENGGAAFLLVYLGFIALIGIPIVLAEFTIGRRAQSDAV
GSFEKLAPGKPWKVAGLMGVAAGFLILSFYGVIAGWILFYLFNYITGQLWSAPAEGFGGFFEGFIANPTLPLFWQALFMI
ATIWIVAIGVKKGIERSNKILMPLLGVLLIALAIYSLTLGGAKEGLAFLFSPDWSALKDPGVYLAAISQAFFTLSLGMGA
LITYGSYVSKDSRLPGAAVSVAGLDTAFAIIAGIMIFPAVFALGLSPSGGPGLVFVVLPDIFDSIRLGPIVGIAFFILLG
AAALSSAVSLLEVPVAYFMRKFDWSRKQAAITLGVIITLLGIPSSLSFGVLGEVTIIPGLNIFDSVDFIASSVFLPLGGM
IIALFIGWGWKTSDALAESDLTDSVWGKLWILSLRFIAPIAILIVFLSAFQIFFN
;
_entity_poly.pdbx_strand_id   A
#
loop_
_chem_comp.id
_chem_comp.type
_chem_comp.name
_chem_comp.formula
GOL non-polymer GLYCEROL 'C3 H8 O3'
LMT D-saccharide DODECYL-BETA-D-MALTOSIDE 'C24 H46 O11'
NA non-polymer 'SODIUM ION' 'Na 1'
SOG D-saccharide 'octyl 1-thio-beta-D-glucopyranoside' 'C14 H28 O5 S'
#
# COMPACT_ATOMS: atom_id res chain seq x y z
N GLY A 10 7.13 27.25 10.18
CA GLY A 10 6.46 26.57 11.28
C GLY A 10 6.00 25.18 10.92
N ARG A 11 6.95 24.33 10.51
CA ARG A 11 6.61 22.98 10.08
C ARG A 11 6.19 22.13 11.27
N GLU A 12 5.21 21.25 11.03
CA GLU A 12 4.73 20.35 12.06
C GLU A 12 5.75 19.26 12.36
N GLN A 13 5.66 18.72 13.57
CA GLN A 13 6.49 17.60 14.01
C GLN A 13 5.61 16.61 14.75
N TRP A 14 6.09 15.38 14.89
CA TRP A 14 5.38 14.39 15.68
C TRP A 14 5.43 14.79 17.15
N ALA A 15 4.24 14.85 17.77
CA ALA A 15 4.15 15.28 19.17
C ALA A 15 4.75 14.22 20.10
N SER A 16 4.42 12.95 19.88
CA SER A 16 4.86 11.87 20.75
C SER A 16 6.14 11.24 20.20
N ARG A 17 6.74 10.38 21.02
CA ARG A 17 7.95 9.66 20.61
C ARG A 17 7.62 8.54 19.66
N LEU A 18 6.55 7.78 19.93
CA LEU A 18 6.10 6.71 19.05
C LEU A 18 5.26 7.21 17.89
N GLY A 19 5.14 8.53 17.70
CA GLY A 19 4.31 9.04 16.62
C GLY A 19 4.83 8.68 15.25
N PHE A 20 6.16 8.77 15.06
CA PHE A 20 6.74 8.51 13.76
C PHE A 20 6.57 7.05 13.35
N ILE A 21 7.01 6.12 14.19
CA ILE A 21 7.00 4.71 13.82
C ILE A 21 5.57 4.21 13.63
N LEU A 22 4.64 4.66 14.47
CA LEU A 22 3.25 4.23 14.32
C LEU A 22 2.61 4.83 13.08
N ALA A 23 3.01 6.03 12.68
CA ALA A 23 2.49 6.61 11.45
C ALA A 23 3.04 5.87 10.24
N ALA A 24 4.33 5.52 10.25
CA ALA A 24 4.91 4.75 9.16
C ALA A 24 4.26 3.37 9.07
N MET A 25 4.05 2.72 10.22
CA MET A 25 3.33 1.45 10.23
C MET A 25 1.90 1.63 9.75
N GLY A 26 1.25 2.72 10.17
CA GLY A 26 -0.11 2.98 9.72
C GLY A 26 -0.19 3.25 8.23
N SER A 27 0.88 3.81 7.65
CA SER A 27 0.91 4.02 6.21
C SER A 27 1.13 2.71 5.46
N ALA A 28 1.98 1.84 5.98
CA ALA A 28 2.30 0.59 5.28
C ALA A 28 1.13 -0.38 5.33
N VAL A 29 0.64 -0.69 6.53
CA VAL A 29 -0.41 -1.70 6.70
C VAL A 29 -1.73 -1.12 6.22
N GLY A 30 -2.27 -1.66 5.13
CA GLY A 30 -3.53 -1.20 4.60
C GLY A 30 -4.11 -2.19 3.62
N LEU A 31 -4.77 -1.67 2.59
CA LEU A 31 -5.43 -2.52 1.59
C LEU A 31 -4.44 -3.34 0.79
N GLY A 32 -3.18 -2.92 0.72
CA GLY A 32 -2.18 -3.67 -0.03
C GLY A 32 -1.81 -4.99 0.61
N ASN A 33 -1.98 -5.13 1.92
CA ASN A 33 -1.62 -6.37 2.61
C ASN A 33 -2.68 -7.45 2.45
N ILE A 34 -3.95 -7.07 2.36
CA ILE A 34 -5.05 -8.02 2.28
C ILE A 34 -5.65 -8.06 0.88
N TRP A 35 -6.18 -6.92 0.40
CA TRP A 35 -6.87 -6.90 -0.87
C TRP A 35 -5.91 -7.11 -2.03
N ARG A 36 -4.86 -6.27 -2.12
CA ARG A 36 -3.97 -6.33 -3.27
C ARG A 36 -3.04 -7.53 -3.20
N PHE A 37 -2.46 -7.80 -2.02
CA PHE A 37 -1.55 -8.93 -1.89
C PHE A 37 -2.23 -10.23 -2.30
N SER A 38 -3.50 -10.40 -1.96
CA SER A 38 -4.19 -11.66 -2.24
C SER A 38 -4.37 -11.85 -3.75
N TYR A 39 -4.96 -10.87 -4.43
CA TYR A 39 -5.29 -11.08 -5.84
C TYR A 39 -4.07 -11.00 -6.74
N VAL A 40 -3.01 -10.31 -6.32
CA VAL A 40 -1.78 -10.33 -7.11
C VAL A 40 -1.03 -11.65 -6.92
N THR A 41 -0.98 -12.15 -5.67
CA THR A 41 -0.38 -13.46 -5.44
C THR A 41 -1.17 -14.56 -6.13
N GLY A 42 -2.50 -14.44 -6.13
CA GLY A 42 -3.33 -15.47 -6.75
C GLY A 42 -3.13 -15.59 -8.25
N GLU A 43 -3.05 -14.46 -8.94
CA GLU A 43 -2.90 -14.49 -10.39
C GLU A 43 -1.45 -14.65 -10.84
N ASN A 44 -0.49 -14.67 -9.92
CA ASN A 44 0.91 -14.84 -10.27
C ASN A 44 1.47 -16.21 -9.85
N GLY A 45 0.62 -17.12 -9.40
CA GLY A 45 1.03 -18.48 -9.11
C GLY A 45 1.27 -18.79 -7.64
N GLY A 46 1.36 -17.79 -6.78
CA GLY A 46 1.51 -18.03 -5.36
C GLY A 46 2.93 -18.08 -4.81
N ALA A 47 3.40 -19.29 -4.48
CA ALA A 47 4.59 -19.45 -3.66
C ALA A 47 5.83 -18.89 -4.36
N ALA A 48 6.01 -19.22 -5.64
CA ALA A 48 7.17 -18.71 -6.36
C ALA A 48 7.15 -17.19 -6.44
N PHE A 49 5.97 -16.62 -6.70
CA PHE A 49 5.83 -15.16 -6.64
C PHE A 49 6.10 -14.65 -5.23
N LEU A 50 5.65 -15.38 -4.22
CA LEU A 50 5.82 -14.94 -2.83
C LEU A 50 7.27 -14.86 -2.43
N LEU A 51 8.07 -15.88 -2.79
CA LEU A 51 9.48 -15.87 -2.42
C LEU A 51 10.22 -14.71 -3.07
N VAL A 52 9.93 -14.44 -4.33
CA VAL A 52 10.52 -13.27 -4.99
C VAL A 52 10.05 -12.00 -4.29
N TYR A 53 8.77 -11.93 -3.97
CA TYR A 53 8.24 -10.79 -3.22
C TYR A 53 8.94 -10.63 -1.88
N LEU A 54 9.13 -11.73 -1.15
CA LEU A 54 9.84 -11.66 0.13
C LEU A 54 11.29 -11.23 -0.08
N GLY A 55 11.95 -11.75 -1.13
CA GLY A 55 13.30 -11.32 -1.43
C GLY A 55 13.39 -9.85 -1.79
N PHE A 56 12.38 -9.35 -2.52
CA PHE A 56 12.33 -7.93 -2.85
C PHE A 56 12.17 -7.08 -1.59
N ILE A 57 11.42 -7.58 -0.61
CA ILE A 57 11.22 -6.84 0.64
C ILE A 57 12.54 -6.71 1.39
N ALA A 58 13.32 -7.79 1.43
CA ALA A 58 14.55 -7.81 2.21
C ALA A 58 15.63 -6.98 1.57
N LEU A 59 15.96 -7.27 0.31
CA LEU A 59 17.14 -6.69 -0.32
C LEU A 59 16.89 -5.33 -0.96
N ILE A 60 15.64 -4.97 -1.24
CA ILE A 60 15.32 -3.71 -1.89
C ILE A 60 14.41 -2.85 -1.04
N GLY A 61 13.37 -3.43 -0.44
CA GLY A 61 12.42 -2.68 0.34
C GLY A 61 13.00 -2.02 1.57
N ILE A 62 13.56 -2.82 2.48
CA ILE A 62 14.12 -2.27 3.71
C ILE A 62 15.18 -1.19 3.44
N PRO A 63 16.15 -1.39 2.54
CA PRO A 63 17.13 -0.31 2.31
C PRO A 63 16.51 0.97 1.76
N ILE A 64 15.58 0.84 0.81
CA ILE A 64 14.98 2.04 0.24
C ILE A 64 14.01 2.69 1.22
N VAL A 65 13.42 1.89 2.13
CA VAL A 65 12.60 2.49 3.20
C VAL A 65 13.47 3.34 4.11
N LEU A 66 14.60 2.79 4.55
CA LEU A 66 15.55 3.59 5.33
C LEU A 66 16.07 4.77 4.53
N ALA A 67 16.20 4.62 3.21
CA ALA A 67 16.63 5.73 2.38
C ALA A 67 15.64 6.88 2.44
N GLU A 68 14.34 6.57 2.32
CA GLU A 68 13.33 7.62 2.39
C GLU A 68 13.31 8.27 3.77
N PHE A 69 13.48 7.48 4.83
CA PHE A 69 13.54 8.05 6.17
C PHE A 69 14.69 9.04 6.29
N THR A 70 15.88 8.65 5.82
CA THR A 70 17.06 9.49 5.94
C THR A 70 16.90 10.80 5.17
N ILE A 71 16.30 10.74 3.98
CA ILE A 71 16.11 11.95 3.19
C ILE A 71 15.13 12.88 3.88
N GLY A 72 14.06 12.33 4.45
CA GLY A 72 13.04 13.17 5.07
C GLY A 72 13.54 13.88 6.31
N ARG A 73 14.16 13.13 7.23
CA ARG A 73 14.59 13.71 8.49
C ARG A 73 15.72 14.73 8.30
N ARG A 74 16.62 14.48 7.35
CA ARG A 74 17.72 15.42 7.13
C ARG A 74 17.22 16.73 6.52
N ALA A 75 16.29 16.66 5.58
CA ALA A 75 15.86 17.84 4.84
C ALA A 75 14.74 18.62 5.53
N GLN A 76 13.89 17.94 6.30
CA GLN A 76 12.72 18.56 6.90
C GLN A 76 11.90 19.31 5.86
N SER A 77 11.55 18.60 4.79
CA SER A 77 10.83 19.21 3.67
C SER A 77 9.96 18.15 3.02
N ASP A 78 9.18 18.58 2.02
CA ASP A 78 8.29 17.68 1.31
C ASP A 78 9.10 16.71 0.46
N ALA A 79 8.38 15.83 -0.25
CA ALA A 79 9.03 14.84 -1.11
C ALA A 79 9.85 15.51 -2.20
N VAL A 80 9.30 16.55 -2.83
CA VAL A 80 10.05 17.26 -3.88
C VAL A 80 11.08 18.19 -3.27
N GLY A 81 10.69 18.93 -2.23
CA GLY A 81 11.59 19.90 -1.62
C GLY A 81 12.81 19.28 -0.96
N SER A 82 12.74 18.01 -0.59
CA SER A 82 13.89 17.36 0.02
C SER A 82 15.07 17.28 -0.96
N PHE A 83 14.77 17.02 -2.25
CA PHE A 83 15.84 16.96 -3.24
C PHE A 83 16.37 18.34 -3.61
N GLU A 84 15.49 19.34 -3.60
CA GLU A 84 15.95 20.71 -3.85
C GLU A 84 16.87 21.21 -2.74
N LYS A 85 16.57 20.83 -1.51
CA LYS A 85 17.36 21.32 -0.38
C LYS A 85 18.69 20.60 -0.24
N LEU A 86 18.70 19.28 -0.46
CA LEU A 86 19.92 18.48 -0.26
C LEU A 86 20.82 18.47 -1.48
N ALA A 87 20.27 18.67 -2.68
CA ALA A 87 21.04 18.71 -3.91
C ALA A 87 20.46 19.80 -4.79
N PRO A 88 20.82 21.06 -4.53
CA PRO A 88 20.22 22.18 -5.28
C PRO A 88 20.58 22.12 -6.77
N GLY A 89 19.55 22.23 -7.60
CA GLY A 89 19.75 22.28 -9.04
C GLY A 89 20.17 20.99 -9.69
N LYS A 90 20.04 19.85 -8.98
CA LYS A 90 20.41 18.56 -9.54
C LYS A 90 19.17 17.76 -9.91
N PRO A 91 19.27 16.86 -10.91
CA PRO A 91 18.05 16.24 -11.45
C PRO A 91 17.41 15.19 -10.55
N TRP A 92 17.88 15.07 -9.31
CA TRP A 92 17.31 14.08 -8.40
C TRP A 92 15.86 14.39 -8.03
N LYS A 93 15.40 15.63 -8.22
CA LYS A 93 14.05 16.01 -7.83
C LYS A 93 12.98 15.38 -8.69
N VAL A 94 13.35 14.66 -9.75
CA VAL A 94 12.35 13.98 -10.56
C VAL A 94 11.64 12.89 -9.76
N ALA A 95 12.37 12.25 -8.84
CA ALA A 95 11.76 11.22 -8.01
C ALA A 95 10.61 11.78 -7.18
N GLY A 96 10.83 12.92 -6.53
CA GLY A 96 9.76 13.56 -5.79
C GLY A 96 8.61 14.00 -6.69
N LEU A 97 8.94 14.52 -7.87
CA LEU A 97 7.90 14.89 -8.84
C LEU A 97 7.11 13.67 -9.28
N MET A 98 7.79 12.56 -9.57
CA MET A 98 7.08 11.33 -9.89
C MET A 98 6.27 10.86 -8.69
N GLY A 99 6.78 11.06 -7.48
CA GLY A 99 6.09 10.57 -6.30
C GLY A 99 4.82 11.34 -6.00
N VAL A 100 4.82 12.66 -6.23
CA VAL A 100 3.62 13.46 -6.07
C VAL A 100 2.55 13.00 -7.05
N ALA A 101 2.93 12.79 -8.31
CA ALA A 101 1.96 12.30 -9.29
C ALA A 101 1.49 10.89 -8.95
N ALA A 102 2.37 10.06 -8.39
CA ALA A 102 1.94 8.73 -7.96
C ALA A 102 0.92 8.81 -6.85
N GLY A 103 1.03 9.83 -5.97
CA GLY A 103 0.02 10.02 -4.95
C GLY A 103 -1.34 10.32 -5.53
N PHE A 104 -1.39 11.11 -6.60
CA PHE A 104 -2.64 11.36 -7.29
C PHE A 104 -3.24 10.06 -7.83
N LEU A 105 -2.45 9.29 -8.57
CA LEU A 105 -2.98 8.12 -9.25
C LEU A 105 -3.35 7.02 -8.27
N ILE A 106 -2.51 6.76 -7.28
CA ILE A 106 -2.78 5.65 -6.36
C ILE A 106 -3.99 5.94 -5.50
N LEU A 107 -4.06 7.15 -4.92
CA LEU A 107 -5.20 7.49 -4.08
C LEU A 107 -6.49 7.54 -4.89
N SER A 108 -6.38 7.82 -6.19
CA SER A 108 -7.58 7.90 -7.03
C SER A 108 -8.35 6.58 -7.02
N PHE A 109 -7.65 5.46 -7.21
CA PHE A 109 -8.30 4.16 -7.15
C PHE A 109 -8.26 3.54 -5.75
N TYR A 110 -7.36 3.97 -4.89
CA TYR A 110 -7.34 3.47 -3.51
C TYR A 110 -8.64 3.82 -2.80
N GLY A 111 -9.17 5.02 -3.04
CA GLY A 111 -10.43 5.40 -2.42
C GLY A 111 -11.62 4.64 -2.96
N VAL A 112 -11.51 4.10 -4.18
CA VAL A 112 -12.58 3.28 -4.72
C VAL A 112 -12.65 1.95 -3.98
N ILE A 113 -11.49 1.29 -3.80
CA ILE A 113 -11.46 0.02 -3.09
C ILE A 113 -11.89 0.21 -1.64
N ALA A 114 -11.44 1.30 -1.01
CA ALA A 114 -11.87 1.60 0.35
C ALA A 114 -13.36 1.91 0.39
N GLY A 115 -13.91 2.46 -0.70
CA GLY A 115 -15.35 2.61 -0.79
C GLY A 115 -16.08 1.28 -0.81
N TRP A 116 -15.46 0.24 -1.39
CA TRP A 116 -16.02 -1.09 -1.29
C TRP A 116 -16.07 -1.55 0.17
N ILE A 117 -15.04 -1.20 0.94
CA ILE A 117 -15.00 -1.58 2.35
C ILE A 117 -16.16 -0.98 3.11
N LEU A 118 -16.35 0.34 2.98
CA LEU A 118 -17.43 1.02 3.70
C LEU A 118 -18.80 0.47 3.30
N PHE A 119 -18.96 0.13 2.02
CA PHE A 119 -20.23 -0.41 1.54
C PHE A 119 -20.52 -1.77 2.18
N TYR A 120 -19.50 -2.62 2.29
CA TYR A 120 -19.71 -3.93 2.91
C TYR A 120 -19.92 -3.79 4.41
N LEU A 121 -19.21 -2.87 5.05
CA LEU A 121 -19.46 -2.60 6.47
C LEU A 121 -20.89 -2.15 6.69
N PHE A 122 -21.39 -1.26 5.82
CA PHE A 122 -22.77 -0.79 5.94
C PHE A 122 -23.76 -1.95 5.80
N ASN A 123 -23.48 -2.89 4.91
CA ASN A 123 -24.40 -4.00 4.68
C ASN A 123 -24.41 -4.98 5.85
N TYR A 124 -23.30 -5.10 6.58
CA TYR A 124 -23.28 -5.94 7.77
C TYR A 124 -23.96 -5.26 8.95
N ILE A 125 -23.88 -3.93 9.03
CA ILE A 125 -24.49 -3.21 10.14
C ILE A 125 -26.01 -3.17 9.97
N THR A 126 -26.50 -3.16 8.74
CA THR A 126 -27.94 -3.18 8.48
C THR A 126 -28.48 -4.60 8.29
N GLY A 127 -27.67 -5.62 8.51
CA GLY A 127 -28.12 -6.99 8.42
C GLY A 127 -28.32 -7.52 7.02
N GLN A 128 -27.68 -6.91 6.02
CA GLN A 128 -27.93 -7.29 4.64
C GLN A 128 -27.23 -8.59 4.26
N LEU A 129 -25.98 -8.78 4.70
CA LEU A 129 -25.16 -9.90 4.27
C LEU A 129 -24.95 -10.93 5.37
N TRP A 130 -25.90 -11.04 6.31
CA TRP A 130 -25.81 -12.06 7.34
C TRP A 130 -25.96 -13.46 6.74
N SER A 131 -26.84 -13.61 5.75
CA SER A 131 -27.01 -14.84 5.01
C SER A 131 -26.65 -14.59 3.54
N ALA A 132 -26.43 -15.68 2.82
CA ALA A 132 -26.03 -15.58 1.42
C ALA A 132 -27.19 -15.04 0.57
N PRO A 133 -27.01 -13.92 -0.12
CA PRO A 133 -28.08 -13.43 -1.00
C PRO A 133 -28.37 -14.42 -2.12
N ALA A 134 -29.55 -14.25 -2.73
CA ALA A 134 -30.01 -15.19 -3.75
C ALA A 134 -29.06 -15.22 -4.94
N GLU A 135 -28.45 -14.10 -5.30
CA GLU A 135 -27.50 -14.06 -6.40
C GLU A 135 -26.13 -14.57 -6.01
N GLY A 136 -25.92 -14.94 -4.76
CA GLY A 136 -24.63 -15.39 -4.28
C GLY A 136 -23.71 -14.26 -3.89
N PHE A 137 -22.69 -14.60 -3.09
CA PHE A 137 -21.71 -13.60 -2.69
C PHE A 137 -20.91 -13.07 -3.88
N GLY A 138 -20.81 -13.84 -4.96
CA GLY A 138 -20.17 -13.37 -6.17
C GLY A 138 -21.04 -12.40 -6.95
N GLY A 139 -22.29 -12.78 -7.17
CA GLY A 139 -23.21 -11.93 -7.92
C GLY A 139 -23.54 -10.64 -7.20
N PHE A 140 -23.63 -10.69 -5.87
CA PHE A 140 -23.83 -9.48 -5.09
C PHE A 140 -22.68 -8.50 -5.29
N PHE A 141 -21.44 -9.01 -5.32
CA PHE A 141 -20.28 -8.14 -5.48
C PHE A 141 -20.24 -7.54 -6.88
N GLU A 142 -20.50 -8.34 -7.91
CA GLU A 142 -20.48 -7.81 -9.27
C GLU A 142 -21.60 -6.82 -9.52
N GLY A 143 -22.77 -7.03 -8.91
CA GLY A 143 -23.86 -6.08 -9.09
C GLY A 143 -23.58 -4.72 -8.49
N PHE A 144 -22.81 -4.68 -7.40
CA PHE A 144 -22.53 -3.41 -6.73
C PHE A 144 -21.45 -2.63 -7.46
N ILE A 145 -20.39 -3.31 -7.93
CA ILE A 145 -19.31 -2.60 -8.61
C ILE A 145 -19.74 -2.18 -10.01
N ALA A 146 -20.68 -2.91 -10.63
CA ALA A 146 -21.13 -2.52 -11.96
C ALA A 146 -22.06 -1.32 -11.90
N ASN A 147 -22.78 -1.16 -10.80
CA ASN A 147 -23.62 0.02 -10.60
C ASN A 147 -22.77 1.27 -10.76
N PRO A 148 -23.21 2.24 -11.57
CA PRO A 148 -22.33 3.39 -11.87
C PRO A 148 -22.21 4.38 -10.73
N THR A 149 -23.27 4.58 -9.95
CA THR A 149 -23.30 5.65 -8.96
C THR A 149 -23.05 5.18 -7.53
N LEU A 150 -23.46 3.96 -7.19
CA LEU A 150 -23.37 3.50 -5.81
C LEU A 150 -21.95 3.49 -5.28
N PRO A 151 -20.94 2.96 -5.99
CA PRO A 151 -19.57 3.00 -5.43
C PRO A 151 -19.01 4.41 -5.32
N LEU A 152 -19.47 5.35 -6.14
CA LEU A 152 -18.93 6.71 -6.04
C LEU A 152 -19.34 7.37 -4.74
N PHE A 153 -20.56 7.10 -4.27
CA PHE A 153 -21.02 7.69 -3.01
C PHE A 153 -20.14 7.23 -1.85
N TRP A 154 -19.82 5.94 -1.79
CA TRP A 154 -18.97 5.44 -0.72
C TRP A 154 -17.51 5.80 -0.94
N GLN A 155 -17.08 5.96 -2.20
CA GLN A 155 -15.75 6.48 -2.48
C GLN A 155 -15.61 7.91 -1.96
N ALA A 156 -16.60 8.76 -2.27
CA ALA A 156 -16.56 10.14 -1.78
C ALA A 156 -16.61 10.18 -0.25
N LEU A 157 -17.41 9.30 0.35
CA LEU A 157 -17.50 9.26 1.80
C LEU A 157 -16.15 8.92 2.43
N PHE A 158 -15.43 7.96 1.82
CA PHE A 158 -14.11 7.61 2.32
C PHE A 158 -13.11 8.73 2.10
N MET A 159 -13.24 9.46 0.99
CA MET A 159 -12.33 10.57 0.71
C MET A 159 -12.56 11.74 1.66
N ILE A 160 -13.81 11.98 2.05
CA ILE A 160 -14.10 13.04 3.02
C ILE A 160 -13.36 12.78 4.32
N ALA A 161 -13.37 11.53 4.78
CA ALA A 161 -12.61 11.18 5.98
C ALA A 161 -11.12 11.40 5.78
N THR A 162 -10.59 10.99 4.62
CA THR A 162 -9.18 11.19 4.33
C THR A 162 -8.82 12.67 4.31
N ILE A 163 -9.64 13.48 3.62
CA ILE A 163 -9.41 14.92 3.56
C ILE A 163 -9.48 15.52 4.95
N TRP A 164 -10.42 15.05 5.77
CA TRP A 164 -10.63 15.63 7.09
C TRP A 164 -9.41 15.42 7.99
N ILE A 165 -8.85 14.20 8.00
CA ILE A 165 -7.71 13.92 8.85
C ILE A 165 -6.48 14.71 8.41
N VAL A 166 -6.23 14.76 7.10
CA VAL A 166 -5.04 15.46 6.60
C VAL A 166 -5.18 16.96 6.83
N ALA A 167 -6.40 17.50 6.67
CA ALA A 167 -6.60 18.93 6.87
C ALA A 167 -6.46 19.33 8.33
N ILE A 168 -6.77 18.42 9.26
CA ILE A 168 -6.65 18.73 10.68
C ILE A 168 -5.18 18.94 11.04
N GLY A 169 -4.28 18.13 10.49
CA GLY A 169 -2.86 18.33 10.66
C GLY A 169 -2.15 17.06 11.09
N VAL A 170 -0.81 17.16 11.07
CA VAL A 170 0.02 16.05 11.49
C VAL A 170 -0.18 15.77 12.97
N LYS A 171 -0.03 16.80 13.81
CA LYS A 171 -0.06 16.59 15.25
C LYS A 171 -1.47 16.25 15.74
N LYS A 172 -2.48 16.94 15.23
CA LYS A 172 -3.85 16.77 15.72
C LYS A 172 -4.66 15.77 14.91
N GLY A 173 -4.16 15.30 13.77
CA GLY A 173 -4.93 14.39 12.94
C GLY A 173 -4.23 13.08 12.65
N ILE A 174 -3.17 13.13 11.83
CA ILE A 174 -2.50 11.91 11.39
C ILE A 174 -1.94 11.15 12.58
N GLU A 175 -1.34 11.86 13.54
CA GLU A 175 -0.75 11.21 14.70
C GLU A 175 -1.81 10.65 15.63
N ARG A 176 -2.98 11.30 15.70
CA ARG A 176 -4.03 10.90 16.63
C ARG A 176 -4.83 9.71 16.11
N SER A 177 -4.15 8.69 15.60
CA SER A 177 -4.81 7.47 15.18
C SER A 177 -4.88 6.49 16.35
N ASN A 178 -5.96 5.73 16.41
CA ASN A 178 -6.18 4.82 17.54
C ASN A 178 -5.18 3.67 17.46
N LYS A 179 -4.41 3.49 18.54
CA LYS A 179 -3.31 2.53 18.58
C LYS A 179 -3.76 1.10 18.84
N ILE A 180 -5.05 0.87 19.03
CA ILE A 180 -5.55 -0.49 19.25
C ILE A 180 -6.11 -1.11 17.96
N LEU A 181 -6.44 -0.31 16.96
CA LEU A 181 -7.13 -0.84 15.78
C LEU A 181 -6.19 -1.69 14.93
N MET A 182 -4.93 -1.28 14.81
CA MET A 182 -3.98 -2.05 14.00
C MET A 182 -3.63 -3.37 14.69
N PRO A 183 -3.39 -3.39 16.01
CA PRO A 183 -3.23 -4.69 16.67
C PRO A 183 -4.51 -5.52 16.69
N LEU A 184 -5.68 -4.90 16.79
CA LEU A 184 -6.93 -5.65 16.73
C LEU A 184 -7.15 -6.25 15.35
N LEU A 185 -6.76 -5.52 14.29
CA LEU A 185 -6.82 -6.09 12.95
C LEU A 185 -5.90 -7.31 12.85
N GLY A 186 -4.71 -7.24 13.45
CA GLY A 186 -3.80 -8.37 13.40
C GLY A 186 -4.35 -9.58 14.14
N VAL A 187 -4.91 -9.36 15.34
CA VAL A 187 -5.45 -10.47 16.11
C VAL A 187 -6.60 -11.13 15.38
N LEU A 188 -7.46 -10.33 14.73
CA LEU A 188 -8.58 -10.90 13.99
C LEU A 188 -8.10 -11.67 12.77
N LEU A 189 -7.09 -11.15 12.07
CA LEU A 189 -6.53 -11.89 10.93
C LEU A 189 -5.95 -13.22 11.37
N ILE A 190 -5.28 -13.24 12.52
CA ILE A 190 -4.76 -14.50 13.06
C ILE A 190 -5.92 -15.43 13.39
N ALA A 191 -6.94 -14.93 14.07
CA ALA A 191 -8.11 -15.75 14.40
C ALA A 191 -8.78 -16.26 13.14
N LEU A 192 -8.89 -15.42 12.11
CA LEU A 192 -9.52 -15.86 10.86
C LEU A 192 -8.63 -16.85 10.12
N ALA A 193 -7.32 -16.64 10.13
CA ALA A 193 -6.41 -17.56 9.44
C ALA A 193 -6.48 -18.95 10.05
N ILE A 194 -6.57 -19.04 11.38
CA ILE A 194 -6.72 -20.34 12.03
C ILE A 194 -8.00 -21.04 11.57
N TYR A 195 -9.09 -20.27 11.44
CA TYR A 195 -10.37 -20.88 11.10
C TYR A 195 -10.37 -21.43 9.69
N SER A 196 -9.83 -20.67 8.72
CA SER A 196 -9.82 -21.13 7.34
C SER A 196 -8.97 -22.39 7.15
N LEU A 197 -7.99 -22.62 8.01
CA LEU A 197 -7.20 -23.84 7.93
C LEU A 197 -8.03 -25.08 8.27
N THR A 198 -9.21 -24.91 8.86
CA THR A 198 -10.06 -26.02 9.27
C THR A 198 -11.22 -26.25 8.30
N LEU A 199 -11.11 -25.78 7.06
CA LEU A 199 -12.22 -25.78 6.13
C LEU A 199 -12.09 -26.79 4.99
N GLY A 200 -11.01 -27.60 4.97
CA GLY A 200 -10.85 -28.64 3.99
C GLY A 200 -9.89 -28.32 2.87
N GLY A 201 -9.76 -27.05 2.50
CA GLY A 201 -8.86 -26.68 1.42
C GLY A 201 -7.49 -26.27 1.91
N ALA A 202 -7.12 -26.74 3.10
CA ALA A 202 -5.87 -26.28 3.70
C ALA A 202 -4.65 -26.85 2.99
N LYS A 203 -4.70 -28.13 2.61
CA LYS A 203 -3.55 -28.75 1.95
C LYS A 203 -3.23 -28.07 0.63
N GLU A 204 -4.20 -27.99 -0.28
CA GLU A 204 -3.93 -27.36 -1.56
C GLU A 204 -3.74 -25.86 -1.44
N GLY A 205 -4.38 -25.24 -0.45
CA GLY A 205 -4.20 -23.82 -0.24
C GLY A 205 -2.81 -23.47 0.27
N LEU A 206 -2.30 -24.28 1.22
CA LEU A 206 -0.94 -24.05 1.72
C LEU A 206 0.10 -24.44 0.69
N ALA A 207 -0.16 -25.49 -0.09
CA ALA A 207 0.76 -25.85 -1.16
C ALA A 207 0.85 -24.74 -2.20
N PHE A 208 -0.29 -24.15 -2.55
CA PHE A 208 -0.30 -23.04 -3.50
C PHE A 208 0.48 -21.84 -2.97
N LEU A 209 0.47 -21.65 -1.65
CA LEU A 209 1.07 -20.46 -1.04
C LEU A 209 2.53 -20.65 -0.66
N PHE A 210 2.96 -21.86 -0.35
CA PHE A 210 4.31 -22.09 0.16
C PHE A 210 5.13 -23.10 -0.63
N SER A 211 4.51 -23.96 -1.45
CA SER A 211 5.27 -24.91 -2.24
C SER A 211 5.47 -24.34 -3.63
N PRO A 212 6.67 -23.87 -3.96
CA PRO A 212 6.85 -23.05 -5.17
C PRO A 212 6.95 -23.88 -6.43
N ASP A 213 6.32 -23.37 -7.50
CA ASP A 213 6.45 -23.90 -8.85
C ASP A 213 7.28 -22.91 -9.64
N TRP A 214 8.53 -23.27 -9.92
CA TRP A 214 9.46 -22.37 -10.59
C TRP A 214 9.08 -22.11 -12.04
N SER A 215 8.18 -22.91 -12.63
CA SER A 215 7.76 -22.67 -14.00
C SER A 215 7.14 -21.29 -14.16
N ALA A 216 6.52 -20.76 -13.10
CA ALA A 216 5.93 -19.42 -13.18
C ALA A 216 7.00 -18.34 -13.23
N LEU A 217 8.20 -18.62 -12.71
CA LEU A 217 9.26 -17.62 -12.69
C LEU A 217 9.91 -17.40 -14.05
N LYS A 218 9.56 -18.20 -15.06
CA LYS A 218 10.09 -17.96 -16.40
C LYS A 218 9.55 -16.65 -16.98
N ASP A 219 8.38 -16.22 -16.53
CA ASP A 219 7.77 -15.00 -17.04
C ASP A 219 8.42 -13.78 -16.38
N PRO A 220 8.91 -12.82 -17.18
CA PRO A 220 9.42 -11.58 -16.57
C PRO A 220 8.34 -10.77 -15.88
N GLY A 221 7.08 -10.91 -16.28
CA GLY A 221 6.01 -10.14 -15.68
C GLY A 221 5.77 -10.49 -14.22
N VAL A 222 6.12 -11.71 -13.82
CA VAL A 222 5.97 -12.09 -12.41
C VAL A 222 6.92 -11.26 -11.55
N TYR A 223 8.15 -11.04 -12.02
CA TYR A 223 9.09 -10.21 -11.28
C TYR A 223 8.59 -8.77 -11.19
N LEU A 224 7.93 -8.28 -12.24
CA LEU A 224 7.40 -6.93 -12.21
C LEU A 224 6.25 -6.80 -11.23
N ALA A 225 5.39 -7.82 -11.15
CA ALA A 225 4.32 -7.81 -10.17
C ALA A 225 4.85 -7.89 -8.75
N ALA A 226 5.94 -8.65 -8.54
CA ALA A 226 6.51 -8.78 -7.21
C ALA A 226 7.17 -7.48 -6.75
N ILE A 227 7.93 -6.84 -7.64
CA ILE A 227 8.55 -5.57 -7.25
C ILE A 227 7.49 -4.50 -7.07
N SER A 228 6.38 -4.58 -7.82
CA SER A 228 5.31 -3.60 -7.66
C SER A 228 4.58 -3.77 -6.34
N GLN A 229 4.24 -5.02 -5.98
CA GLN A 229 3.59 -5.27 -4.71
C GLN A 229 4.49 -4.90 -3.54
N ALA A 230 5.80 -5.15 -3.69
CA ALA A 230 6.74 -4.81 -2.63
C ALA A 230 6.80 -3.30 -2.40
N PHE A 231 6.92 -2.52 -3.48
CA PHE A 231 6.90 -1.07 -3.35
C PHE A 231 5.56 -0.58 -2.82
N PHE A 232 4.46 -1.13 -3.35
CA PHE A 232 3.12 -0.67 -2.98
C PHE A 232 2.86 -0.89 -1.50
N THR A 233 3.11 -2.11 -1.02
CA THR A 233 2.79 -2.45 0.36
C THR A 233 3.66 -1.72 1.37
N LEU A 234 4.84 -1.25 0.97
CA LEU A 234 5.74 -0.54 1.87
C LEU A 234 5.58 0.97 1.80
N SER A 235 4.61 1.47 1.03
CA SER A 235 4.44 2.92 0.84
C SER A 235 5.74 3.54 0.35
N LEU A 236 6.37 2.89 -0.63
CA LEU A 236 7.75 3.14 -0.98
C LEU A 236 7.86 3.65 -2.41
N GLY A 237 8.84 4.52 -2.63
CA GLY A 237 9.15 5.02 -3.96
C GLY A 237 8.41 6.26 -4.39
N MET A 238 7.61 6.87 -3.52
CA MET A 238 6.85 8.05 -3.88
C MET A 238 7.06 9.21 -2.91
N GLY A 239 7.99 9.09 -1.97
CA GLY A 239 8.19 10.12 -0.98
C GLY A 239 7.18 10.14 0.15
N ALA A 240 6.31 9.13 0.24
CA ALA A 240 5.37 9.05 1.36
C ALA A 240 6.12 8.87 2.68
N LEU A 241 7.17 8.04 2.68
CA LEU A 241 8.02 7.89 3.85
C LEU A 241 8.99 9.05 4.02
N ILE A 242 9.33 9.73 2.93
CA ILE A 242 10.10 10.97 3.05
C ILE A 242 9.31 12.01 3.81
N THR A 243 8.01 12.11 3.52
CA THR A 243 7.19 13.13 4.17
C THR A 243 7.01 12.85 5.65
N TYR A 244 6.65 11.59 5.99
CA TYR A 244 6.51 11.23 7.40
C TYR A 244 7.84 11.31 8.14
N GLY A 245 8.95 11.01 7.46
CA GLY A 245 10.25 11.19 8.07
C GLY A 245 10.61 12.64 8.25
N SER A 246 10.04 13.52 7.43
CA SER A 246 10.34 14.95 7.53
C SER A 246 9.70 15.62 8.73
N TYR A 247 8.86 14.90 9.47
CA TYR A 247 8.26 15.42 10.70
C TYR A 247 8.92 14.85 11.94
N VAL A 248 10.03 14.14 11.79
CA VAL A 248 10.74 13.50 12.89
C VAL A 248 11.94 14.35 13.25
N SER A 249 12.28 14.36 14.55
CA SER A 249 13.52 14.94 15.02
C SER A 249 14.60 13.87 15.02
N LYS A 250 15.83 14.26 15.42
CA LYS A 250 16.93 13.32 15.58
C LYS A 250 16.67 12.32 16.71
N ASP A 251 15.58 12.49 17.46
CA ASP A 251 15.28 11.61 18.57
C ASP A 251 15.18 10.15 18.15
N SER A 252 14.79 9.89 16.91
CA SER A 252 14.44 8.54 16.46
C SER A 252 15.66 7.75 16.02
N ARG A 253 15.48 6.43 15.97
CA ARG A 253 16.44 5.50 15.40
C ARG A 253 15.82 4.94 14.11
N LEU A 254 16.28 5.44 12.98
CA LEU A 254 15.71 5.08 11.68
C LEU A 254 15.91 3.63 11.26
N PRO A 255 17.07 3.00 11.52
CA PRO A 255 17.24 1.59 11.09
C PRO A 255 16.18 0.65 11.65
N GLY A 256 15.97 0.67 12.97
CA GLY A 256 14.96 -0.20 13.56
C GLY A 256 13.56 0.12 13.10
N ALA A 257 13.30 1.37 12.73
CA ALA A 257 11.98 1.73 12.21
C ALA A 257 11.73 1.08 10.85
N ALA A 258 12.75 1.08 9.98
CA ALA A 258 12.58 0.48 8.66
C ALA A 258 12.40 -1.03 8.74
N VAL A 259 13.14 -1.69 9.64
CA VAL A 259 13.00 -3.14 9.78
C VAL A 259 11.65 -3.48 10.40
N SER A 260 11.23 -2.71 11.40
CA SER A 260 9.94 -2.95 12.05
C SER A 260 8.79 -2.71 11.09
N VAL A 261 8.90 -1.69 10.23
CA VAL A 261 7.84 -1.41 9.28
C VAL A 261 7.72 -2.53 8.27
N ALA A 262 8.85 -2.94 7.67
CA ALA A 262 8.82 -4.01 6.69
C ALA A 262 8.51 -5.35 7.34
N GLY A 263 8.93 -5.56 8.60
CA GLY A 263 8.63 -6.81 9.26
C GLY A 263 7.16 -6.95 9.63
N LEU A 264 6.56 -5.87 10.12
CA LEU A 264 5.14 -5.92 10.46
C LEU A 264 4.28 -6.01 9.20
N ASP A 265 4.66 -5.28 8.15
CA ASP A 265 3.87 -5.30 6.92
C ASP A 265 3.85 -6.69 6.29
N THR A 266 4.99 -7.40 6.36
CA THR A 266 5.05 -8.75 5.80
C THR A 266 4.21 -9.73 6.61
N ALA A 267 4.19 -9.58 7.94
CA ALA A 267 3.40 -10.47 8.77
C ALA A 267 1.91 -10.33 8.45
N PHE A 268 1.43 -9.09 8.26
CA PHE A 268 0.04 -8.88 7.87
C PHE A 268 -0.25 -9.55 6.53
N ALA A 269 0.68 -9.42 5.57
CA ALA A 269 0.45 -9.98 4.24
C ALA A 269 0.40 -11.50 4.27
N ILE A 270 1.37 -12.12 4.96
CA ILE A 270 1.46 -13.58 4.97
C ILE A 270 0.23 -14.19 5.64
N ILE A 271 -0.18 -13.63 6.78
CA ILE A 271 -1.33 -14.17 7.49
C ILE A 271 -2.60 -13.94 6.68
N ALA A 272 -2.69 -12.83 5.94
CA ALA A 272 -3.81 -12.63 5.04
C ALA A 272 -3.87 -13.73 3.99
N GLY A 273 -2.71 -14.12 3.45
CA GLY A 273 -2.68 -15.23 2.51
C GLY A 273 -3.06 -16.55 3.14
N ILE A 274 -2.64 -16.79 4.39
CA ILE A 274 -3.04 -18.00 5.08
C ILE A 274 -4.54 -18.00 5.36
N MET A 275 -5.12 -16.82 5.50
CA MET A 275 -6.58 -16.73 5.66
C MET A 275 -7.31 -16.93 4.34
N ILE A 276 -6.82 -16.31 3.27
CA ILE A 276 -7.59 -16.22 2.02
C ILE A 276 -7.51 -17.52 1.23
N PHE A 277 -6.30 -18.01 0.99
CA PHE A 277 -6.09 -19.07 0.00
C PHE A 277 -6.67 -20.41 0.44
N PRO A 278 -6.49 -20.86 1.69
CA PRO A 278 -7.21 -22.08 2.11
C PRO A 278 -8.72 -21.93 1.97
N ALA A 279 -9.25 -20.71 2.09
CA ALA A 279 -10.66 -20.48 1.87
C ALA A 279 -11.04 -20.51 0.40
N VAL A 280 -10.12 -20.05 -0.47
CA VAL A 280 -10.38 -20.09 -1.90
C VAL A 280 -10.51 -21.52 -2.39
N PHE A 281 -9.60 -22.40 -1.94
CA PHE A 281 -9.67 -23.79 -2.36
C PHE A 281 -10.86 -24.51 -1.73
N ALA A 282 -11.17 -24.20 -0.47
CA ALA A 282 -12.33 -24.81 0.17
C ALA A 282 -13.61 -24.47 -0.58
N LEU A 283 -13.70 -23.26 -1.14
CA LEU A 283 -14.83 -22.87 -1.95
C LEU A 283 -14.72 -23.35 -3.39
N GLY A 284 -13.60 -23.95 -3.76
CA GLY A 284 -13.39 -24.39 -5.13
C GLY A 284 -13.22 -23.27 -6.14
N LEU A 285 -12.93 -22.06 -5.67
CA LEU A 285 -12.79 -20.91 -6.57
C LEU A 285 -11.38 -20.84 -7.15
N SER A 286 -11.25 -20.06 -8.21
CA SER A 286 -9.95 -19.85 -8.83
C SER A 286 -9.21 -18.74 -8.09
N PRO A 287 -7.98 -18.97 -7.60
CA PRO A 287 -7.28 -17.90 -6.88
C PRO A 287 -6.90 -16.72 -7.75
N SER A 288 -6.94 -16.86 -9.08
CA SER A 288 -6.73 -15.75 -10.00
C SER A 288 -8.02 -15.02 -10.34
N GLY A 289 -8.95 -14.92 -9.38
CA GLY A 289 -10.25 -14.33 -9.68
C GLY A 289 -10.17 -12.87 -10.06
N GLY A 290 -9.34 -12.10 -9.36
CA GLY A 290 -9.16 -10.72 -9.67
C GLY A 290 -9.31 -9.80 -8.48
N PRO A 291 -9.43 -8.50 -8.73
CA PRO A 291 -9.45 -7.52 -7.63
C PRO A 291 -10.56 -7.76 -6.61
N GLY A 292 -11.64 -8.44 -6.98
CA GLY A 292 -12.72 -8.67 -6.05
C GLY A 292 -12.62 -9.99 -5.32
N LEU A 293 -11.42 -10.58 -5.29
CA LEU A 293 -11.24 -11.90 -4.70
C LEU A 293 -11.64 -11.92 -3.23
N VAL A 294 -11.03 -11.05 -2.43
CA VAL A 294 -11.32 -11.04 -1.00
C VAL A 294 -12.77 -10.62 -0.74
N PHE A 295 -13.36 -9.81 -1.62
CA PHE A 295 -14.73 -9.39 -1.41
C PHE A 295 -15.74 -10.49 -1.69
N VAL A 296 -15.32 -11.58 -2.34
CA VAL A 296 -16.23 -12.68 -2.63
C VAL A 296 -15.93 -13.81 -1.65
N VAL A 297 -14.64 -13.96 -1.29
CA VAL A 297 -14.23 -15.06 -0.44
C VAL A 297 -14.59 -14.78 1.02
N LEU A 298 -14.23 -13.60 1.53
CA LEU A 298 -14.42 -13.33 2.95
C LEU A 298 -15.88 -13.36 3.39
N PRO A 299 -16.83 -12.74 2.69
CA PRO A 299 -18.23 -12.87 3.14
C PRO A 299 -18.75 -14.29 3.09
N ASP A 300 -18.21 -15.13 2.19
CA ASP A 300 -18.60 -16.53 2.18
C ASP A 300 -17.99 -17.28 3.36
N ILE A 301 -16.85 -16.81 3.87
CA ILE A 301 -16.25 -17.42 5.05
C ILE A 301 -16.96 -16.94 6.31
N PHE A 302 -17.36 -15.67 6.34
CA PHE A 302 -18.14 -15.17 7.47
C PHE A 302 -19.48 -15.88 7.56
N ASP A 303 -20.05 -16.28 6.42
CA ASP A 303 -21.36 -16.92 6.41
C ASP A 303 -21.33 -18.31 7.01
N SER A 304 -20.18 -18.99 7.01
CA SER A 304 -20.07 -20.33 7.60
C SER A 304 -19.93 -20.29 9.12
N ILE A 305 -19.56 -19.15 9.68
CA ILE A 305 -19.47 -19.00 11.12
C ILE A 305 -20.85 -18.66 11.66
N ARG A 306 -21.15 -19.17 12.86
CA ARG A 306 -22.41 -18.82 13.51
C ARG A 306 -22.44 -17.34 13.87
N LEU A 307 -21.37 -16.83 14.48
CA LEU A 307 -21.29 -15.42 14.85
C LEU A 307 -20.69 -14.61 13.71
N GLY A 308 -20.99 -15.03 12.48
CA GLY A 308 -20.35 -14.50 11.30
C GLY A 308 -20.56 -13.00 11.10
N PRO A 309 -21.82 -12.55 11.14
CA PRO A 309 -22.09 -11.10 11.03
C PRO A 309 -21.24 -10.24 11.95
N ILE A 310 -20.94 -10.70 13.16
CA ILE A 310 -20.11 -9.93 14.07
C ILE A 310 -18.67 -9.85 13.56
N VAL A 311 -18.14 -10.98 13.09
CA VAL A 311 -16.79 -10.98 12.53
C VAL A 311 -16.72 -10.06 11.31
N GLY A 312 -17.76 -10.09 10.48
CA GLY A 312 -17.78 -9.21 9.31
C GLY A 312 -17.80 -7.74 9.67
N ILE A 313 -18.61 -7.37 10.68
CA ILE A 313 -18.63 -5.98 11.14
C ILE A 313 -17.25 -5.59 11.67
N ALA A 314 -16.66 -6.45 12.49
CA ALA A 314 -15.33 -6.15 13.05
C ALA A 314 -14.27 -6.12 11.95
N PHE A 315 -14.35 -7.05 10.99
CA PHE A 315 -13.33 -7.13 9.96
C PHE A 315 -13.30 -5.86 9.12
N PHE A 316 -14.46 -5.41 8.65
CA PHE A 316 -14.50 -4.25 7.76
C PHE A 316 -14.28 -2.93 8.49
N ILE A 317 -14.57 -2.88 9.79
CA ILE A 317 -14.21 -1.69 10.56
C ILE A 317 -12.69 -1.58 10.67
N LEU A 318 -12.04 -2.68 11.08
CA LEU A 318 -10.59 -2.64 11.28
C LEU A 318 -9.85 -2.53 9.95
N LEU A 319 -10.38 -3.14 8.89
CA LEU A 319 -9.75 -2.99 7.57
C LEU A 319 -9.95 -1.58 7.02
N GLY A 320 -11.14 -1.02 7.21
CA GLY A 320 -11.35 0.36 6.81
C GLY A 320 -10.51 1.34 7.62
N ALA A 321 -10.29 1.03 8.90
CA ALA A 321 -9.41 1.86 9.72
C ALA A 321 -7.97 1.83 9.20
N ALA A 322 -7.50 0.67 8.76
CA ALA A 322 -6.16 0.60 8.19
C ALA A 322 -6.12 1.26 6.81
N ALA A 323 -7.19 1.12 6.03
CA ALA A 323 -7.25 1.81 4.74
C ALA A 323 -7.25 3.32 4.93
N LEU A 324 -7.90 3.80 5.99
CA LEU A 324 -7.96 5.24 6.24
C LEU A 324 -6.57 5.81 6.52
N SER A 325 -5.82 5.16 7.41
CA SER A 325 -4.48 5.68 7.74
C SER A 325 -3.54 5.58 6.55
N SER A 326 -3.75 4.62 5.65
CA SER A 326 -2.90 4.53 4.47
C SER A 326 -3.25 5.60 3.45
N ALA A 327 -4.54 5.88 3.26
CA ALA A 327 -4.94 6.93 2.33
C ALA A 327 -4.56 8.31 2.85
N VAL A 328 -4.42 8.46 4.17
CA VAL A 328 -3.97 9.72 4.75
C VAL A 328 -2.54 10.02 4.32
N SER A 329 -1.65 9.02 4.42
CA SER A 329 -0.27 9.22 3.98
C SER A 329 -0.18 9.43 2.47
N LEU A 330 -1.10 8.83 1.70
CA LEU A 330 -1.13 9.08 0.27
C LEU A 330 -1.47 10.54 -0.03
N LEU A 331 -2.50 11.07 0.64
CA LEU A 331 -2.87 12.46 0.42
C LEU A 331 -1.86 13.44 1.00
N GLU A 332 -1.06 13.00 1.98
CA GLU A 332 -0.13 13.91 2.63
C GLU A 332 1.00 14.34 1.70
N VAL A 333 1.34 13.50 0.71
CA VAL A 333 2.46 13.81 -0.17
C VAL A 333 2.14 15.00 -1.07
N PRO A 334 1.01 15.02 -1.80
CA PRO A 334 0.71 16.23 -2.58
C PRO A 334 0.32 17.41 -1.70
N VAL A 335 -0.24 17.17 -0.53
CA VAL A 335 -0.64 18.26 0.35
C VAL A 335 0.58 19.04 0.84
N ALA A 336 1.61 18.31 1.30
CA ALA A 336 2.82 18.97 1.76
C ALA A 336 3.53 19.70 0.63
N TYR A 337 3.55 19.10 -0.57
CA TYR A 337 4.20 19.74 -1.70
C TYR A 337 3.48 21.02 -2.12
N PHE A 338 2.14 20.98 -2.13
CA PHE A 338 1.37 22.16 -2.54
C PHE A 338 1.45 23.27 -1.50
N MET A 339 1.56 22.91 -0.22
CA MET A 339 1.67 23.92 0.83
C MET A 339 2.95 24.73 0.68
N ARG A 340 4.07 24.07 0.40
CA ARG A 340 5.33 24.79 0.25
C ARG A 340 5.37 25.56 -1.06
N LYS A 341 4.97 24.94 -2.16
CA LYS A 341 5.23 25.52 -3.47
C LYS A 341 4.34 26.72 -3.76
N PHE A 342 3.05 26.61 -3.45
CA PHE A 342 2.09 27.67 -3.76
C PHE A 342 1.64 28.44 -2.52
N ASP A 343 2.32 28.24 -1.38
CA ASP A 343 1.92 28.85 -0.11
C ASP A 343 0.45 28.61 0.20
N TRP A 344 -0.01 27.40 -0.08
CA TRP A 344 -1.36 27.00 0.28
C TRP A 344 -1.43 26.59 1.74
N SER A 345 -2.56 26.86 2.36
CA SER A 345 -2.79 26.34 3.71
C SER A 345 -3.07 24.84 3.65
N ARG A 346 -2.95 24.18 4.80
CA ARG A 346 -3.21 22.75 4.86
C ARG A 346 -4.66 22.43 4.52
N LYS A 347 -5.60 23.22 5.05
CA LYS A 347 -7.01 22.96 4.82
C LYS A 347 -7.37 23.10 3.34
N GLN A 348 -6.86 24.15 2.68
CA GLN A 348 -7.18 24.35 1.27
C GLN A 348 -6.51 23.30 0.40
N ALA A 349 -5.27 22.92 0.73
CA ALA A 349 -4.59 21.89 -0.05
C ALA A 349 -5.27 20.54 0.11
N ALA A 350 -5.68 20.19 1.34
CA ALA A 350 -6.34 18.91 1.56
C ALA A 350 -7.68 18.84 0.86
N ILE A 351 -8.46 19.93 0.91
CA ILE A 351 -9.78 19.93 0.32
C ILE A 351 -9.69 19.95 -1.20
N THR A 352 -8.87 20.84 -1.75
CA THR A 352 -8.79 20.99 -3.20
C THR A 352 -8.15 19.76 -3.85
N LEU A 353 -7.01 19.32 -3.33
CA LEU A 353 -6.36 18.13 -3.89
C LEU A 353 -7.20 16.88 -3.63
N GLY A 354 -7.83 16.80 -2.46
CA GLY A 354 -8.65 15.64 -2.16
C GLY A 354 -9.86 15.52 -3.06
N VAL A 355 -10.46 16.66 -3.42
CA VAL A 355 -11.58 16.64 -4.35
C VAL A 355 -11.11 16.24 -5.74
N ILE A 356 -9.95 16.75 -6.17
CA ILE A 356 -9.42 16.43 -7.50
C ILE A 356 -9.13 14.93 -7.59
N ILE A 357 -8.46 14.39 -6.58
CA ILE A 357 -8.14 12.97 -6.59
C ILE A 357 -9.41 12.13 -6.60
N THR A 358 -10.45 12.59 -5.89
CA THR A 358 -11.73 11.88 -5.88
C THR A 358 -12.32 11.80 -7.29
N LEU A 359 -12.28 12.92 -8.03
CA LEU A 359 -12.78 12.92 -9.39
C LEU A 359 -11.88 12.12 -10.33
N LEU A 360 -10.57 12.12 -10.06
CA LEU A 360 -9.65 11.32 -10.89
C LEU A 360 -9.98 9.84 -10.80
N GLY A 361 -10.39 9.38 -9.62
CA GLY A 361 -10.70 7.97 -9.43
C GLY A 361 -12.06 7.53 -9.94
N ILE A 362 -12.92 8.48 -10.32
CA ILE A 362 -14.24 8.11 -10.83
C ILE A 362 -14.15 7.30 -12.12
N PRO A 363 -13.32 7.67 -13.11
CA PRO A 363 -13.20 6.79 -14.29
C PRO A 363 -12.67 5.40 -13.95
N SER A 364 -11.79 5.27 -12.97
CA SER A 364 -11.31 3.95 -12.59
C SER A 364 -12.39 3.16 -11.85
N SER A 365 -13.27 3.84 -11.13
CA SER A 365 -14.43 3.17 -10.53
C SER A 365 -15.39 2.66 -11.61
N LEU A 366 -15.64 3.47 -12.64
CA LEU A 366 -16.50 3.07 -13.74
C LEU A 366 -15.90 1.95 -14.59
N SER A 367 -14.62 1.65 -14.43
CA SER A 367 -14.00 0.58 -15.20
C SER A 367 -14.62 -0.77 -14.88
N PHE A 368 -15.09 -0.96 -13.65
CA PHE A 368 -15.72 -2.22 -13.28
C PHE A 368 -17.13 -2.37 -13.86
N GLY A 369 -17.65 -1.35 -14.54
CA GLY A 369 -18.99 -1.41 -15.09
C GLY A 369 -19.09 -0.89 -16.51
N VAL A 370 -19.70 0.29 -16.67
CA VAL A 370 -20.01 0.83 -18.00
C VAL A 370 -18.76 1.15 -18.80
N LEU A 371 -17.62 1.42 -18.15
CA LEU A 371 -16.38 1.69 -18.86
C LEU A 371 -15.46 0.47 -18.91
N GLY A 372 -16.02 -0.73 -18.76
CA GLY A 372 -15.20 -1.94 -18.80
C GLY A 372 -14.58 -2.22 -20.15
N GLU A 373 -15.14 -1.67 -21.22
CA GLU A 373 -14.61 -1.89 -22.56
C GLU A 373 -13.38 -1.04 -22.85
N VAL A 374 -13.27 0.12 -22.20
CA VAL A 374 -12.23 1.07 -22.53
C VAL A 374 -10.87 0.57 -22.06
N THR A 375 -9.85 0.79 -22.89
CA THR A 375 -8.47 0.54 -22.54
C THR A 375 -7.69 1.84 -22.61
N ILE A 376 -6.59 1.90 -21.85
CA ILE A 376 -5.64 3.00 -21.95
C ILE A 376 -4.28 2.40 -22.26
N ILE A 377 -3.74 1.63 -21.33
CA ILE A 377 -2.58 0.79 -21.63
C ILE A 377 -3.09 -0.44 -22.38
N PRO A 378 -2.47 -0.81 -23.52
CA PRO A 378 -2.99 -1.92 -24.33
C PRO A 378 -3.31 -3.18 -23.55
N GLY A 379 -4.59 -3.55 -23.54
CA GLY A 379 -5.04 -4.75 -22.87
C GLY A 379 -5.52 -4.55 -21.44
N LEU A 380 -5.47 -3.32 -20.92
CA LEU A 380 -5.84 -3.04 -19.54
C LEU A 380 -6.92 -1.96 -19.51
N ASN A 381 -7.86 -2.09 -18.59
CA ASN A 381 -8.91 -1.08 -18.44
C ASN A 381 -8.32 0.14 -17.73
N ILE A 382 -9.16 1.13 -17.40
CA ILE A 382 -8.67 2.36 -16.80
C ILE A 382 -8.10 2.09 -15.41
N PHE A 383 -8.78 1.25 -14.63
CA PHE A 383 -8.28 0.90 -13.30
C PHE A 383 -6.93 0.22 -13.38
N ASP A 384 -6.82 -0.82 -14.21
CA ASP A 384 -5.55 -1.54 -14.33
C ASP A 384 -4.48 -0.68 -15.00
N SER A 385 -4.87 0.24 -15.87
CA SER A 385 -3.89 1.14 -16.48
C SER A 385 -3.33 2.11 -15.44
N VAL A 386 -4.20 2.70 -14.61
CA VAL A 386 -3.74 3.64 -13.59
C VAL A 386 -2.92 2.91 -12.54
N ASP A 387 -3.34 1.71 -12.15
CA ASP A 387 -2.56 0.93 -11.20
C ASP A 387 -1.21 0.54 -11.80
N PHE A 388 -1.16 0.25 -13.10
CA PHE A 388 0.07 -0.24 -13.72
C PHE A 388 1.12 0.86 -13.79
N ILE A 389 0.75 2.05 -14.27
CA ILE A 389 1.73 3.12 -14.41
C ILE A 389 2.21 3.60 -13.03
N ALA A 390 1.35 3.54 -12.02
CA ALA A 390 1.77 4.01 -10.70
C ALA A 390 2.59 2.94 -9.98
N SER A 391 2.07 1.72 -9.89
CA SER A 391 2.70 0.70 -9.07
C SER A 391 3.90 0.05 -9.78
N SER A 392 3.82 -0.12 -11.10
CA SER A 392 4.84 -0.85 -11.83
C SER A 392 5.85 0.06 -12.52
N VAL A 393 5.55 1.35 -12.68
CA VAL A 393 6.46 2.30 -13.35
C VAL A 393 6.99 3.33 -12.37
N PHE A 394 6.11 4.14 -11.78
CA PHE A 394 6.57 5.30 -11.02
C PHE A 394 7.20 4.89 -9.69
N LEU A 395 6.57 3.96 -8.97
CA LEU A 395 7.13 3.52 -7.69
C LEU A 395 8.48 2.85 -7.83
N PRO A 396 8.68 1.87 -8.72
CA PRO A 396 10.03 1.27 -8.81
C PRO A 396 11.06 2.22 -9.37
N LEU A 397 10.68 3.10 -10.30
CA LEU A 397 11.63 4.06 -10.85
C LEU A 397 11.93 5.16 -9.82
N GLY A 398 10.90 5.62 -9.10
CA GLY A 398 11.14 6.57 -8.03
C GLY A 398 12.03 6.00 -6.93
N GLY A 399 11.78 4.75 -6.55
CA GLY A 399 12.65 4.11 -5.58
C GLY A 399 14.06 3.87 -6.10
N MET A 400 14.19 3.60 -7.40
CA MET A 400 15.52 3.45 -7.99
C MET A 400 16.30 4.76 -7.93
N ILE A 401 15.66 5.87 -8.29
CA ILE A 401 16.34 7.16 -8.23
C ILE A 401 16.70 7.50 -6.79
N ILE A 402 15.80 7.20 -5.85
CA ILE A 402 16.06 7.50 -4.44
C ILE A 402 17.28 6.72 -3.96
N ALA A 403 17.40 5.45 -4.35
CA ALA A 403 18.56 4.66 -3.96
C ALA A 403 19.84 5.20 -4.57
N LEU A 404 19.80 5.58 -5.85
CA LEU A 404 20.97 6.15 -6.51
C LEU A 404 21.33 7.52 -5.94
N PHE A 405 20.35 8.24 -5.40
CA PHE A 405 20.61 9.56 -4.83
C PHE A 405 21.54 9.45 -3.62
N ILE A 406 21.20 8.58 -2.68
CA ILE A 406 22.07 8.39 -1.52
C ILE A 406 23.33 7.63 -1.92
N GLY A 407 23.19 6.66 -2.82
CA GLY A 407 24.32 5.80 -3.16
C GLY A 407 25.42 6.52 -3.92
N TRP A 408 25.05 7.38 -4.88
CA TRP A 408 26.02 8.03 -5.74
C TRP A 408 26.04 9.55 -5.62
N GLY A 409 25.12 10.15 -4.89
CA GLY A 409 25.07 11.60 -4.78
C GLY A 409 25.39 12.15 -3.41
N TRP A 410 25.69 11.27 -2.46
CA TRP A 410 26.01 11.66 -1.11
C TRP A 410 27.43 11.24 -0.74
N LYS A 411 27.98 11.89 0.27
CA LYS A 411 29.17 11.37 0.91
C LYS A 411 28.80 10.15 1.74
N THR A 412 29.64 9.12 1.69
CA THR A 412 29.36 7.88 2.42
C THR A 412 29.21 8.14 3.91
N SER A 413 30.09 8.98 4.48
CA SER A 413 30.00 9.27 5.91
C SER A 413 28.70 10.00 6.25
N ASP A 414 28.23 10.86 5.35
CA ASP A 414 26.96 11.53 5.58
C ASP A 414 25.78 10.56 5.46
N ALA A 415 25.85 9.64 4.50
CA ALA A 415 24.77 8.68 4.34
C ALA A 415 24.62 7.81 5.58
N LEU A 416 25.73 7.38 6.16
CA LEU A 416 25.65 6.53 7.34
C LEU A 416 25.26 7.33 8.58
N ALA A 417 25.84 8.52 8.76
CA ALA A 417 25.57 9.30 9.96
C ALA A 417 24.12 9.76 10.01
N GLU A 418 23.56 10.18 8.88
CA GLU A 418 22.17 10.64 8.84
C GLU A 418 21.19 9.49 8.99
N SER A 419 21.62 8.25 8.73
CA SER A 419 20.75 7.08 8.84
C SER A 419 20.94 6.34 10.16
N ASP A 420 21.70 6.92 11.09
CA ASP A 420 21.99 6.31 12.40
C ASP A 420 22.78 5.01 12.27
N LEU A 421 23.58 4.88 11.22
CA LEU A 421 24.40 3.70 11.03
C LEU A 421 25.87 4.06 11.02
N THR A 422 26.69 3.15 11.52
CA THR A 422 28.14 3.30 11.49
C THR A 422 28.67 2.60 10.24
N ASP A 423 29.99 2.62 10.07
CA ASP A 423 30.64 1.91 8.97
C ASP A 423 30.87 0.44 9.37
N SER A 424 29.79 -0.21 9.77
CA SER A 424 29.79 -1.59 10.19
C SER A 424 29.37 -2.48 9.02
N VAL A 425 29.17 -3.77 9.30
CA VAL A 425 28.74 -4.69 8.25
C VAL A 425 27.35 -4.32 7.75
N TRP A 426 26.46 -3.93 8.66
CA TRP A 426 25.12 -3.50 8.25
C TRP A 426 25.17 -2.16 7.53
N GLY A 427 26.01 -1.23 8.01
CA GLY A 427 26.16 0.03 7.32
C GLY A 427 26.71 -0.14 5.92
N LYS A 428 27.64 -1.08 5.74
CA LYS A 428 28.17 -1.36 4.42
C LYS A 428 27.15 -2.10 3.56
N LEU A 429 26.39 -3.02 4.16
CA LEU A 429 25.35 -3.72 3.40
C LEU A 429 24.28 -2.76 2.90
N TRP A 430 23.93 -1.75 3.71
CA TRP A 430 22.91 -0.80 3.31
C TRP A 430 23.41 0.11 2.20
N ILE A 431 24.67 0.54 2.27
CA ILE A 431 25.25 1.35 1.22
C ILE A 431 25.36 0.55 -0.07
N LEU A 432 25.72 -0.73 0.03
CA LEU A 432 25.83 -1.57 -1.15
C LEU A 432 24.48 -1.75 -1.84
N SER A 433 23.40 -1.89 -1.06
CA SER A 433 22.08 -2.08 -1.66
C SER A 433 21.66 -0.86 -2.47
N LEU A 434 21.85 0.34 -1.91
CA LEU A 434 21.43 1.54 -2.63
C LEU A 434 22.32 1.82 -3.84
N ARG A 435 23.61 1.48 -3.74
CA ARG A 435 24.53 1.80 -4.84
C ARG A 435 24.36 0.85 -6.01
N PHE A 436 24.05 -0.42 -5.74
CA PHE A 436 24.15 -1.43 -6.79
C PHE A 436 22.98 -2.42 -6.77
N ILE A 437 22.81 -3.13 -5.67
CA ILE A 437 21.89 -4.28 -5.66
C ILE A 437 20.47 -3.83 -5.99
N ALA A 438 19.94 -2.85 -5.26
CA ALA A 438 18.56 -2.42 -5.50
C ALA A 438 18.38 -1.73 -6.84
N PRO A 439 19.22 -0.77 -7.24
CA PRO A 439 18.97 -0.11 -8.55
C PRO A 439 19.15 -1.05 -9.73
N ILE A 440 20.16 -1.93 -9.70
CA ILE A 440 20.34 -2.85 -10.81
C ILE A 440 19.20 -3.86 -10.88
N ALA A 441 18.70 -4.28 -9.71
CA ALA A 441 17.57 -5.20 -9.69
C ALA A 441 16.33 -4.58 -10.32
N ILE A 442 16.00 -3.35 -9.92
CA ILE A 442 14.88 -2.65 -10.54
C ILE A 442 15.14 -2.46 -12.03
N LEU A 443 16.38 -2.13 -12.39
CA LEU A 443 16.71 -1.93 -13.80
C LEU A 443 16.56 -3.21 -14.59
N ILE A 444 17.02 -4.33 -14.04
CA ILE A 444 16.92 -5.61 -14.74
C ILE A 444 15.46 -6.04 -14.86
N VAL A 445 14.67 -5.83 -13.80
CA VAL A 445 13.25 -6.15 -13.86
C VAL A 445 12.56 -5.31 -14.93
N PHE A 446 12.97 -4.05 -15.07
CA PHE A 446 12.41 -3.20 -16.11
C PHE A 446 12.76 -3.72 -17.50
N LEU A 447 14.05 -3.99 -17.75
CA LEU A 447 14.50 -4.35 -19.09
C LEU A 447 13.95 -5.69 -19.54
N SER A 448 13.88 -6.67 -18.62
CA SER A 448 13.38 -7.98 -18.99
C SER A 448 11.89 -7.96 -19.29
N ALA A 449 11.16 -7.04 -18.66
CA ALA A 449 9.72 -6.94 -18.88
C ALA A 449 9.35 -6.36 -20.25
N PHE A 450 10.33 -5.99 -21.07
CA PHE A 450 10.06 -5.47 -22.39
C PHE A 450 11.00 -6.11 -23.41
NA NA B . -3.03 1.93 7.10
NA NA C . 1.11 -2.64 2.99
N PHE D . 1.11 0.76 1.71
CA PHE D . -0.28 0.95 1.43
C PHE D . -1.02 -0.40 1.49
O PHE D . -2.28 -0.41 1.64
CB PHE D . -0.46 1.60 0.04
CG PHE D . 0.36 2.94 -0.05
CD1 PHE D . 0.26 3.89 0.96
CD2 PHE D . 1.20 3.17 -1.15
CE1 PHE D . 0.98 5.07 0.87
CE2 PHE D . 1.92 4.34 -1.23
CZ PHE D . 1.81 5.30 -0.21
OXT PHE D . -0.38 -1.49 1.39
C1B LMT E . -29.90 -2.03 -4.41
C2B LMT E . -29.49 -3.43 -3.98
C3B LMT E . -28.02 -3.66 -4.04
C4B LMT E . -27.48 -3.40 -5.40
C5B LMT E . -27.79 -2.01 -5.94
C6B LMT E . -27.85 -2.10 -7.44
O1B LMT E . -30.10 -1.24 -3.29
O2B LMT E . -29.95 -3.63 -2.62
O3B LMT E . -27.75 -5.04 -3.69
O4' LMT E . -26.05 -3.57 -5.35
O5B LMT E . -29.01 -1.33 -5.42
O6B LMT E . -28.72 -1.13 -7.97
C1' LMT E . -28.87 2.31 -1.60
C2' LMT E . -28.98 2.32 -3.12
C3' LMT E . -29.73 1.11 -3.58
C4' LMT E . -29.14 -0.18 -3.10
C5' LMT E . -28.79 -0.17 -1.61
C6' LMT E . -27.87 -1.28 -1.28
O1' LMT E . -28.19 3.41 -1.13
O2' LMT E . -29.67 3.50 -3.55
O3' LMT E . -29.78 1.12 -5.04
O5' LMT E . -28.16 1.09 -1.14
O6' LMT E . -27.32 -1.06 -0.01
C1 LMT E . -27.82 3.24 0.23
C2 LMT E . -27.22 4.55 0.82
C3 LMT E . -27.66 4.64 2.31
C4 LMT E . -27.07 5.93 2.95
C5 LMT E . -26.02 5.52 4.01
C6 LMT E . -25.97 6.60 5.13
C7 LMT E . -24.95 6.17 6.21
C8 LMT E . -23.51 6.42 5.70
C9 LMT E . -22.52 6.41 6.88
C10 LMT E . -22.00 4.99 7.13
C11 LMT E . -20.49 5.03 7.43
C12 LMT E . -19.95 3.60 7.57
O1' LMT F . -24.60 10.58 -6.08
C1 LMT F . -23.38 10.70 -6.81
C2 LMT F . -22.19 10.30 -5.88
C3 LMT F . -20.87 10.66 -6.60
C4 LMT F . -20.20 11.89 -5.91
C5 LMT F . -19.20 12.51 -6.91
C6 LMT F . -17.96 13.04 -6.13
C7 LMT F . -17.61 14.47 -6.62
C8 LMT F . -16.42 15.01 -5.79
C9 LMT F . -16.69 14.76 -4.30
C10 LMT F . -15.44 15.12 -3.47
C11 LMT F . -15.68 14.71 -2.00
C12 LMT F . -16.97 15.36 -1.50
O1' LMT G . -30.31 3.90 -7.71
C1 LMT G . -29.18 3.71 -6.86
C2 LMT G . -28.35 5.02 -6.80
C3 LMT G . -27.48 5.03 -5.52
C4 LMT G . -26.55 6.27 -5.53
C5 LMT G . -26.33 6.78 -4.09
C6 LMT G . -27.72 7.12 -3.47
C7 LMT G . -27.54 7.45 -1.97
C8 LMT G . -27.20 8.96 -1.80
C9 LMT G . -27.60 9.41 -0.37
C10 LMT G . -27.25 10.90 -0.18
C11 LMT G . -27.29 11.24 1.31
C12 LMT G . -27.21 12.76 1.51
C1 LMT H . -9.23 22.85 11.09
C2 LMT H . -9.43 22.07 9.76
C3 LMT H . -10.87 21.49 9.69
C4 LMT H . -11.29 21.35 8.19
C5 LMT H . -12.15 20.08 7.99
C6 LMT H . -12.84 20.15 6.59
C7 LMT H . -13.16 18.73 6.07
C8 LMT H . -14.27 18.84 5.00
C9 LMT H . -14.25 17.57 4.12
C10 LMT H . -13.91 17.96 2.66
C11 LMT H . -15.18 18.38 1.92
C12 LMT H . -15.11 17.90 0.47
C1 SOG I . 3.59 -27.72 1.01
C2 SOG I . 5.00 -28.23 1.13
C3 SOG I . 5.23 -29.27 0.11
C4 SOG I . 4.27 -30.43 0.25
C5 SOG I . 2.82 -30.06 0.58
C6 SOG I . 2.22 -31.19 1.38
C1' SOG I . 4.33 -26.42 3.56
C2' SOG I . 4.22 -25.10 4.35
C3' SOG I . 3.08 -25.19 5.35
C4' SOG I . 3.15 -24.01 6.29
C5' SOG I . 1.99 -24.05 7.28
C6' SOG I . 1.98 -22.75 8.10
C7' SOG I . 0.67 -22.65 8.87
C8' SOG I . 0.63 -21.31 9.61
S1 SOG I . 3.30 -26.33 2.07
O2 SOG I . 5.96 -27.17 0.94
O3 SOG I . 6.60 -29.77 0.22
O4 SOG I . 4.27 -31.17 -0.99
O5 SOG I . 2.63 -28.81 1.35
O6 SOG I . 2.39 -32.40 0.72
C1 SOG J . -15.15 -26.50 12.79
C2 SOG J . -14.54 -26.48 11.40
C3 SOG J . -15.38 -27.19 10.40
C4 SOG J . -15.69 -28.58 10.84
C5 SOG J . -16.37 -28.60 12.20
C6 SOG J . -16.56 -30.02 12.63
C1' SOG J . -13.68 -24.13 13.81
C2' SOG J . -12.24 -23.77 14.15
C3' SOG J . -12.16 -22.30 14.53
C4' SOG J . -11.00 -22.05 15.50
C5' SOG J . -10.70 -20.56 15.57
C6' SOG J . -9.85 -20.27 16.82
C7' SOG J . -9.54 -18.79 16.87
C8' SOG J . -9.27 -18.37 18.32
S1 SOG J . -13.94 -25.92 13.96
O2 SOG J . -14.38 -25.11 10.95
O3 SOG J . -14.68 -27.23 9.14
O4 SOG J . -16.57 -29.17 9.87
O5 SOG J . -15.59 -27.87 13.22
O6 SOG J . -16.71 -30.09 14.01
C1 GOL K . 9.52 23.17 -9.36
O1 GOL K . 8.95 22.60 -10.51
C2 GOL K . 8.71 22.74 -8.15
O2 GOL K . 8.33 21.39 -8.27
C3 GOL K . 9.56 22.90 -6.88
O3 GOL K . 8.83 22.51 -5.76
#